data_6OVJ
#
_entry.id   6OVJ
#
_entity_poly.entity_id   1
_entity_poly.type   'polypeptide(L)'
_entity_poly.pdbx_seq_one_letter_code
;ICCNPACGPNYGC
;
_entity_poly.pdbx_strand_id   A
#
# COMPACT_ATOMS: atom_id res chain seq x y z
N ILE A 1 -0.84 -3.90 7.52
CA ILE A 1 -1.01 -4.08 6.09
C ILE A 1 -1.52 -2.81 5.43
N CYS A 2 -0.63 -1.84 5.27
CA CYS A 2 -1.00 -0.57 4.65
C CYS A 2 -0.92 -0.65 3.12
N CYS A 3 -2.08 -0.53 2.47
CA CYS A 3 -2.16 -0.60 1.02
C CYS A 3 -2.51 0.76 0.43
N ASN A 4 -2.05 1.83 1.08
CA ASN A 4 -2.32 3.18 0.62
C ASN A 4 -1.28 3.63 -0.39
N PRO A 5 -1.60 4.67 -1.17
CA PRO A 5 -0.71 5.21 -2.19
C PRO A 5 0.49 5.92 -1.59
N ALA A 6 0.30 6.51 -0.41
CA ALA A 6 1.37 7.23 0.27
C ALA A 6 2.31 6.25 0.98
N CYS A 7 1.76 5.14 1.45
CA CYS A 7 2.55 4.13 2.14
C CYS A 7 3.56 3.49 1.20
N GLY A 8 3.21 3.42 -0.08
CA GLY A 8 4.10 2.83 -1.06
C GLY A 8 3.37 2.37 -2.31
N PRO A 9 4.06 1.56 -3.13
CA PRO A 9 3.49 1.04 -4.37
C PRO A 9 2.39 0.02 -4.11
N ASN A 10 1.89 -0.60 -5.19
CA ASN A 10 0.83 -1.60 -5.09
C ASN A 10 1.22 -2.69 -4.09
N TYR A 11 0.47 -2.78 -2.99
CA TYR A 11 0.73 -3.78 -1.96
C TYR A 11 -0.46 -4.71 -1.79
N GLY A 12 -0.20 -5.91 -1.30
CA GLY A 12 -1.26 -6.89 -1.09
C GLY A 12 -2.16 -6.52 0.08
N CYS A 13 -3.18 -5.71 -0.17
CA CYS A 13 -4.11 -5.30 0.86
C CYS A 13 -4.90 -6.49 1.39
N ILE A 1 -0.85 -3.95 7.43
CA ILE A 1 -0.96 -4.13 5.98
C ILE A 1 -1.48 -2.85 5.32
N CYS A 2 -0.62 -1.84 5.24
CA CYS A 2 -0.98 -0.57 4.63
C CYS A 2 -0.91 -0.66 3.11
N CYS A 3 -2.06 -0.53 2.46
CA CYS A 3 -2.14 -0.60 1.01
C CYS A 3 -2.50 0.76 0.42
N ASN A 4 -2.05 1.83 1.08
CA ASN A 4 -2.32 3.18 0.62
C ASN A 4 -1.27 3.62 -0.39
N PRO A 5 -1.61 4.67 -1.16
CA PRO A 5 -0.71 5.22 -2.19
C PRO A 5 0.50 5.93 -1.59
N ALA A 6 0.30 6.52 -0.41
CA ALA A 6 1.37 7.23 0.27
C ALA A 6 2.31 6.26 0.98
N CYS A 7 1.76 5.14 1.45
CA CYS A 7 2.55 4.14 2.14
C CYS A 7 3.56 3.49 1.20
N GLY A 8 3.21 3.42 -0.08
CA GLY A 8 4.10 2.83 -1.06
C GLY A 8 3.37 2.35 -2.29
N PRO A 9 4.06 1.55 -3.12
CA PRO A 9 3.49 1.01 -4.36
C PRO A 9 2.41 -0.04 -4.08
N ASN A 10 1.96 -0.71 -5.14
CA ASN A 10 0.93 -1.74 -5.01
C ASN A 10 1.32 -2.76 -3.95
N TYR A 11 0.41 -3.01 -3.01
CA TYR A 11 0.65 -3.96 -1.94
C TYR A 11 -0.51 -4.94 -1.81
N GLY A 12 -0.24 -6.09 -1.19
CA GLY A 12 -1.28 -7.09 -1.01
C GLY A 12 -2.19 -6.78 0.17
N CYS A 13 -3.18 -5.92 -0.07
CA CYS A 13 -4.12 -5.55 0.97
C CYS A 13 -5.01 -6.72 1.36
N ILE A 1 -0.72 -3.87 7.50
CA ILE A 1 -1.00 -4.07 6.09
C ILE A 1 -1.51 -2.80 5.43
N CYS A 2 -0.62 -1.83 5.27
CA CYS A 2 -0.99 -0.56 4.65
C CYS A 2 -0.92 -0.65 3.13
N CYS A 3 -2.08 -0.52 2.49
CA CYS A 3 -2.15 -0.60 1.03
C CYS A 3 -2.50 0.76 0.44
N ASN A 4 -2.05 1.82 1.09
CA ASN A 4 -2.32 3.18 0.62
C ASN A 4 -1.27 3.62 -0.39
N PRO A 5 -1.61 4.66 -1.17
CA PRO A 5 -0.71 5.20 -2.19
C PRO A 5 0.50 5.91 -1.59
N ALA A 6 0.31 6.51 -0.42
CA ALA A 6 1.38 7.22 0.27
C ALA A 6 2.32 6.25 0.97
N CYS A 7 1.76 5.14 1.45
CA CYS A 7 2.54 4.13 2.15
C CYS A 7 3.55 3.49 1.21
N GLY A 8 3.21 3.41 -0.06
CA GLY A 8 4.10 2.81 -1.04
C GLY A 8 3.37 2.41 -2.32
N PRO A 9 4.05 1.59 -3.15
CA PRO A 9 3.48 1.11 -4.41
C PRO A 9 2.34 0.12 -4.20
N ASN A 10 1.89 -0.49 -5.29
CA ASN A 10 0.80 -1.46 -5.22
C ASN A 10 1.09 -2.53 -4.18
N TYR A 11 0.28 -2.57 -3.12
CA TYR A 11 0.45 -3.55 -2.06
C TYR A 11 -0.78 -4.44 -1.93
N GLY A 12 -0.66 -5.50 -1.13
CA GLY A 12 -1.77 -6.41 -0.93
C GLY A 12 -2.91 -5.76 -0.16
N CYS A 13 -3.83 -5.13 -0.88
CA CYS A 13 -4.97 -4.48 -0.27
C CYS A 13 -6.15 -5.44 -0.13
N ILE A 1 -0.83 -3.97 7.39
CA ILE A 1 -0.93 -4.14 5.95
C ILE A 1 -1.44 -2.87 5.28
N CYS A 2 -0.60 -1.85 5.24
CA CYS A 2 -0.97 -0.57 4.63
C CYS A 2 -0.90 -0.66 3.11
N CYS A 3 -2.06 -0.53 2.46
CA CYS A 3 -2.14 -0.60 1.01
C CYS A 3 -2.50 0.76 0.42
N ASN A 4 -2.04 1.83 1.08
CA ASN A 4 -2.32 3.18 0.62
C ASN A 4 -1.27 3.62 -0.39
N PRO A 5 -1.61 4.67 -1.16
CA PRO A 5 -0.71 5.22 -2.19
C PRO A 5 0.50 5.93 -1.59
N ALA A 6 0.30 6.52 -0.41
CA ALA A 6 1.37 7.23 0.27
C ALA A 6 2.31 6.26 0.98
N CYS A 7 1.76 5.14 1.45
CA CYS A 7 2.54 4.14 2.15
C CYS A 7 3.56 3.49 1.20
N GLY A 8 3.21 3.42 -0.08
CA GLY A 8 4.10 2.83 -1.06
C GLY A 8 3.36 2.34 -2.29
N PRO A 9 4.05 1.53 -3.11
CA PRO A 9 3.47 0.98 -4.34
C PRO A 9 2.38 -0.05 -4.06
N ASN A 10 1.88 -0.68 -5.12
CA ASN A 10 0.84 -1.70 -4.98
C ASN A 10 1.24 -2.76 -3.97
N TYR A 11 0.48 -2.83 -2.88
CA TYR A 11 0.75 -3.80 -1.82
C TYR A 11 -0.17 -5.02 -1.95
N GLY A 12 0.11 -6.05 -1.14
CA GLY A 12 -0.71 -7.25 -1.18
C GLY A 12 -2.00 -7.10 -0.40
N CYS A 13 -2.96 -6.37 -0.98
CA CYS A 13 -4.24 -6.16 -0.33
C CYS A 13 -5.39 -6.61 -1.23
N ILE A 1 -0.77 -3.92 7.49
CA ILE A 1 -0.96 -4.10 6.06
C ILE A 1 -1.48 -2.82 5.41
N CYS A 2 -0.59 -1.85 5.24
CA CYS A 2 -0.97 -0.58 4.62
C CYS A 2 -0.90 -0.66 3.11
N CYS A 3 -2.06 -0.53 2.46
CA CYS A 3 -2.14 -0.60 1.01
C CYS A 3 -2.50 0.77 0.42
N ASN A 4 -2.04 1.83 1.08
CA ASN A 4 -2.32 3.18 0.62
C ASN A 4 -1.27 3.62 -0.39
N PRO A 5 -1.61 4.67 -1.16
CA PRO A 5 -0.71 5.22 -2.19
C PRO A 5 0.50 5.93 -1.59
N ALA A 6 0.30 6.52 -0.41
CA ALA A 6 1.37 7.23 0.27
C ALA A 6 2.31 6.26 0.98
N CYS A 7 1.75 5.14 1.45
CA CYS A 7 2.54 4.14 2.15
C CYS A 7 3.56 3.49 1.20
N GLY A 8 3.20 3.42 -0.07
CA GLY A 8 4.10 2.83 -1.06
C GLY A 8 3.36 2.34 -2.29
N PRO A 9 4.05 1.52 -3.11
CA PRO A 9 3.46 0.98 -4.35
C PRO A 9 2.38 -0.05 -4.06
N ASN A 10 1.84 -0.64 -5.12
CA ASN A 10 0.79 -1.64 -4.99
C ASN A 10 1.21 -2.74 -4.02
N TYR A 11 0.46 -2.89 -2.95
CA TYR A 11 0.75 -3.91 -1.94
C TYR A 11 -0.42 -4.87 -1.78
N GLY A 12 -0.15 -6.03 -1.17
CA GLY A 12 -1.20 -7.01 -0.97
C GLY A 12 -2.09 -6.67 0.21
N CYS A 13 -3.01 -5.72 -0.01
CA CYS A 13 -3.94 -5.29 1.04
C CYS A 13 -4.66 -6.50 1.64
N ILE A 1 -0.74 -3.98 7.34
CA ILE A 1 -0.89 -4.16 5.90
C ILE A 1 -1.41 -2.89 5.24
N CYS A 2 -0.57 -1.86 5.20
CA CYS A 2 -0.94 -0.58 4.60
C CYS A 2 -0.88 -0.67 3.08
N CYS A 3 -2.04 -0.54 2.44
CA CYS A 3 -2.13 -0.60 0.99
C CYS A 3 -2.48 0.76 0.41
N ASN A 4 -2.03 1.82 1.08
CA ASN A 4 -2.30 3.18 0.63
C ASN A 4 -1.27 3.63 -0.40
N PRO A 5 -1.61 4.68 -1.16
CA PRO A 5 -0.72 5.24 -2.18
C PRO A 5 0.48 5.95 -1.58
N ALA A 6 0.30 6.53 -0.41
CA ALA A 6 1.37 7.24 0.28
C ALA A 6 2.31 6.26 0.98
N CYS A 7 1.75 5.15 1.45
CA CYS A 7 2.55 4.14 2.14
C CYS A 7 3.56 3.50 1.19
N GLY A 8 3.22 3.43 -0.08
CA GLY A 8 4.09 2.84 -1.06
C GLY A 8 3.35 2.30 -2.27
N PRO A 9 4.04 1.49 -3.08
CA PRO A 9 3.46 0.88 -4.28
C PRO A 9 2.42 -0.18 -3.95
N ASN A 10 1.97 -0.90 -4.97
CA ASN A 10 0.97 -1.95 -4.78
C ASN A 10 1.40 -2.93 -3.69
N TYR A 11 0.63 -2.98 -2.61
CA TYR A 11 0.92 -3.86 -1.49
C TYR A 11 0.13 -5.16 -1.60
N GLY A 12 0.44 -6.12 -0.73
CA GLY A 12 -0.25 -7.39 -0.74
C GLY A 12 -1.60 -7.32 -0.05
N CYS A 13 -2.50 -6.49 -0.59
CA CYS A 13 -3.82 -6.33 -0.02
C CYS A 13 -4.87 -6.96 -0.92
N ILE A 1 -0.74 -3.94 7.44
CA ILE A 1 -0.93 -4.12 6.01
C ILE A 1 -1.45 -2.84 5.36
N CYS A 2 -0.57 -1.86 5.22
CA CYS A 2 -0.95 -0.58 4.61
C CYS A 2 -0.89 -0.67 3.09
N CYS A 3 -2.05 -0.54 2.45
CA CYS A 3 -2.13 -0.60 0.99
C CYS A 3 -2.48 0.76 0.41
N ASN A 4 -2.03 1.82 1.08
CA ASN A 4 -2.31 3.18 0.63
C ASN A 4 -1.27 3.63 -0.40
N PRO A 5 -1.61 4.68 -1.16
CA PRO A 5 -0.72 5.24 -2.18
C PRO A 5 0.49 5.95 -1.59
N ALA A 6 0.29 6.52 -0.41
CA ALA A 6 1.38 7.24 0.28
C ALA A 6 2.31 6.26 0.98
N CYS A 7 1.75 5.15 1.45
CA CYS A 7 2.54 4.14 2.15
C CYS A 7 3.57 3.50 1.20
N GLY A 8 3.21 3.43 -0.07
CA GLY A 8 4.10 2.83 -1.06
C GLY A 8 3.35 2.31 -2.27
N PRO A 9 4.04 1.49 -3.08
CA PRO A 9 3.46 0.90 -4.29
C PRO A 9 2.40 -0.15 -3.97
N ASN A 10 1.92 -0.82 -5.01
CA ASN A 10 0.90 -1.86 -4.84
C ASN A 10 1.32 -2.87 -3.78
N TYR A 11 0.46 -3.07 -2.79
CA TYR A 11 0.74 -4.02 -1.71
C TYR A 11 -0.11 -5.27 -1.84
N GLY A 12 0.16 -6.26 -1.00
CA GLY A 12 -0.58 -7.50 -1.04
C GLY A 12 -1.92 -7.39 -0.33
N CYS A 13 -2.75 -6.46 -0.77
CA CYS A 13 -4.06 -6.25 -0.18
C CYS A 13 -5.17 -6.79 -1.08
N ILE A 1 -0.95 -4.05 7.34
CA ILE A 1 -0.87 -4.16 5.89
C ILE A 1 -1.40 -2.89 5.22
N CYS A 2 -0.57 -1.86 5.22
CA CYS A 2 -0.94 -0.58 4.62
C CYS A 2 -0.89 -0.67 3.09
N CYS A 3 -2.05 -0.54 2.45
CA CYS A 3 -2.13 -0.60 1.00
C CYS A 3 -2.49 0.76 0.41
N ASN A 4 -2.03 1.82 1.08
CA ASN A 4 -2.31 3.18 0.63
C ASN A 4 -1.27 3.63 -0.40
N PRO A 5 -1.61 4.68 -1.16
CA PRO A 5 -0.72 5.24 -2.18
C PRO A 5 0.49 5.94 -1.58
N ALA A 6 0.29 6.52 -0.41
CA ALA A 6 1.37 7.23 0.27
C ALA A 6 2.31 6.26 0.98
N CYS A 7 1.75 5.15 1.45
CA CYS A 7 2.54 4.14 2.15
C CYS A 7 3.56 3.50 1.21
N GLY A 8 3.20 3.42 -0.07
CA GLY A 8 4.10 2.83 -1.06
C GLY A 8 3.35 2.32 -2.28
N PRO A 9 4.04 1.51 -3.09
CA PRO A 9 3.46 0.94 -4.32
C PRO A 9 2.39 -0.10 -4.01
N ASN A 10 1.90 -0.77 -5.06
CA ASN A 10 0.86 -1.78 -4.91
C ASN A 10 1.27 -2.81 -3.85
N TYR A 11 0.33 -3.16 -2.99
CA TYR A 11 0.59 -4.14 -1.93
C TYR A 11 -0.60 -5.08 -1.75
N GLY A 12 -0.36 -6.21 -1.11
CA GLY A 12 -1.42 -7.18 -0.88
C GLY A 12 -2.35 -6.77 0.23
N CYS A 13 -3.20 -5.78 -0.05
CA CYS A 13 -4.15 -5.29 0.94
C CYS A 13 -5.00 -6.42 1.49
N ILE A 1 -1.09 -4.20 7.03
CA ILE A 1 -0.70 -4.22 5.63
C ILE A 1 -1.18 -2.96 4.90
N CYS A 2 -0.60 -1.83 5.25
CA CYS A 2 -0.97 -0.56 4.64
C CYS A 2 -0.90 -0.66 3.12
N CYS A 3 -2.06 -0.53 2.48
CA CYS A 3 -2.14 -0.61 1.02
C CYS A 3 -2.50 0.76 0.44
N ASN A 4 -2.04 1.83 1.08
CA ASN A 4 -2.32 3.18 0.62
C ASN A 4 -1.27 3.62 -0.39
N PRO A 5 -1.60 4.66 -1.17
CA PRO A 5 -0.72 5.21 -2.20
C PRO A 5 0.50 5.92 -1.60
N ALA A 6 0.31 6.51 -0.42
CA ALA A 6 1.39 7.23 0.26
C ALA A 6 2.32 6.25 0.97
N CYS A 7 1.75 5.14 1.45
CA CYS A 7 2.53 4.13 2.15
C CYS A 7 3.55 3.49 1.21
N GLY A 8 3.20 3.40 -0.07
CA GLY A 8 4.10 2.80 -1.04
C GLY A 8 3.36 2.40 -2.31
N PRO A 9 4.04 1.59 -3.14
CA PRO A 9 3.47 1.12 -4.41
C PRO A 9 2.34 0.12 -4.20
N ASN A 10 1.90 -0.50 -5.29
CA ASN A 10 0.82 -1.48 -5.22
C ASN A 10 1.10 -2.55 -4.18
N TYR A 11 0.44 -2.45 -3.03
CA TYR A 11 0.64 -3.40 -1.94
C TYR A 11 -0.46 -4.45 -1.95
N GLY A 12 -0.37 -5.40 -1.02
CA GLY A 12 -1.37 -6.45 -0.93
C GLY A 12 -2.73 -5.93 -0.53
N CYS A 13 -3.54 -5.56 -1.52
CA CYS A 13 -4.88 -5.05 -1.27
C CYS A 13 -5.90 -6.17 -1.28
N ILE A 1 -0.61 -3.89 7.42
CA ILE A 1 -0.94 -4.11 6.02
C ILE A 1 -1.46 -2.84 5.37
N CYS A 2 -0.59 -1.85 5.23
CA CYS A 2 -0.95 -0.58 4.62
C CYS A 2 -0.89 -0.66 3.10
N CYS A 3 -2.05 -0.53 2.46
CA CYS A 3 -2.13 -0.60 1.00
C CYS A 3 -2.49 0.76 0.41
N ASN A 4 -2.04 1.83 1.08
CA ASN A 4 -2.32 3.18 0.62
C ASN A 4 -1.27 3.63 -0.40
N PRO A 5 -1.61 4.68 -1.16
CA PRO A 5 -0.71 5.22 -2.19
C PRO A 5 0.49 5.94 -1.58
N ALA A 6 0.29 6.52 -0.41
CA ALA A 6 1.37 7.23 0.27
C ALA A 6 2.31 6.26 0.98
N CYS A 7 1.75 5.14 1.45
CA CYS A 7 2.54 4.14 2.15
C CYS A 7 3.56 3.49 1.20
N GLY A 8 3.20 3.42 -0.07
CA GLY A 8 4.10 2.83 -1.06
C GLY A 8 3.35 2.33 -2.28
N PRO A 9 4.04 1.52 -3.10
CA PRO A 9 3.46 0.95 -4.33
C PRO A 9 2.38 -0.08 -4.03
N ASN A 10 1.90 -0.75 -5.08
CA ASN A 10 0.86 -1.76 -4.93
C ASN A 10 1.26 -2.79 -3.88
N TYR A 11 0.26 -3.32 -3.18
CA TYR A 11 0.51 -4.32 -2.15
C TYR A 11 -0.73 -5.19 -1.93
N GLY A 12 -0.53 -6.33 -1.26
CA GLY A 12 -1.64 -7.24 -1.01
C GLY A 12 -2.53 -6.77 0.13
N CYS A 13 -3.49 -5.91 -0.20
CA CYS A 13 -4.41 -5.38 0.80
C CYS A 13 -5.37 -6.45 1.28
N ILE A 1 -0.67 -4.02 7.06
CA ILE A 1 -0.69 -4.23 5.61
C ILE A 1 -1.18 -2.98 4.90
N CYS A 2 -0.60 -1.83 5.25
CA CYS A 2 -0.96 -0.56 4.63
C CYS A 2 -0.90 -0.66 3.12
N CYS A 3 -2.06 -0.53 2.48
CA CYS A 3 -2.14 -0.60 1.02
C CYS A 3 -2.49 0.76 0.43
N ASN A 4 -2.04 1.83 1.08
CA ASN A 4 -2.32 3.18 0.62
C ASN A 4 -1.27 3.62 -0.39
N PRO A 5 -1.60 4.67 -1.17
CA PRO A 5 -0.72 5.21 -2.19
C PRO A 5 0.49 5.92 -1.60
N ALA A 6 0.30 6.51 -0.41
CA ALA A 6 1.38 7.23 0.26
C ALA A 6 2.32 6.25 0.97
N CYS A 7 1.75 5.14 1.45
CA CYS A 7 2.54 4.13 2.15
C CYS A 7 3.55 3.49 1.21
N GLY A 8 3.20 3.41 -0.07
CA GLY A 8 4.10 2.81 -1.04
C GLY A 8 3.37 2.38 -2.30
N PRO A 9 4.04 1.57 -3.13
CA PRO A 9 3.47 1.07 -4.39
C PRO A 9 2.34 0.07 -4.16
N ASN A 10 1.90 -0.58 -5.23
CA ASN A 10 0.83 -1.55 -5.14
C ASN A 10 1.13 -2.60 -4.08
N TYR A 11 0.48 -2.48 -2.94
CA TYR A 11 0.68 -3.41 -1.84
C TYR A 11 -0.41 -4.47 -1.81
N GLY A 12 -0.30 -5.41 -0.87
CA GLY A 12 -1.29 -6.47 -0.75
C GLY A 12 -2.65 -5.95 -0.35
N CYS A 13 -3.47 -5.61 -1.33
CA CYS A 13 -4.82 -5.09 -1.08
C CYS A 13 -5.83 -6.24 -1.00
N ILE A 1 -0.14 -3.97 6.97
CA ILE A 1 -0.62 -4.25 5.62
C ILE A 1 -1.16 -2.98 4.96
N CYS A 2 -0.44 -1.88 5.13
CA CYS A 2 -0.85 -0.61 4.55
C CYS A 2 -0.81 -0.67 3.02
N CYS A 3 -1.98 -0.56 2.41
CA CYS A 3 -2.09 -0.61 0.96
C CYS A 3 -2.46 0.76 0.39
N ASN A 4 -2.00 1.81 1.06
CA ASN A 4 -2.28 3.18 0.64
C ASN A 4 -1.26 3.65 -0.40
N PRO A 5 -1.61 4.71 -1.15
CA PRO A 5 -0.74 5.27 -2.18
C PRO A 5 0.47 5.98 -1.59
N ALA A 6 0.30 6.54 -0.40
CA ALA A 6 1.38 7.25 0.28
C ALA A 6 2.31 6.27 0.98
N CYS A 7 1.76 5.16 1.46
CA CYS A 7 2.54 4.15 2.15
C CYS A 7 3.55 3.51 1.21
N GLY A 8 3.19 3.42 -0.07
CA GLY A 8 4.07 2.83 -1.06
C GLY A 8 3.31 2.22 -2.22
N PRO A 9 4.01 1.39 -3.02
CA PRO A 9 3.41 0.73 -4.18
C PRO A 9 2.40 -0.35 -3.78
N ASN A 10 1.95 -1.12 -4.76
CA ASN A 10 0.98 -2.19 -4.51
C ASN A 10 1.46 -3.10 -3.38
N TYR A 11 0.55 -3.43 -2.48
CA TYR A 11 0.87 -4.28 -1.34
C TYR A 11 -0.27 -5.26 -1.06
N GLY A 12 -0.02 -6.21 -0.16
CA GLY A 12 -1.03 -7.20 0.18
C GLY A 12 -2.04 -6.67 1.19
N CYS A 13 -2.94 -5.81 0.72
CA CYS A 13 -3.96 -5.23 1.58
C CYS A 13 -4.78 -6.32 2.26
N ILE A 1 -0.38 -3.85 7.41
CA ILE A 1 -0.82 -4.09 6.04
C ILE A 1 -1.37 -2.82 5.41
N CYS A 2 -0.49 -1.84 5.20
CA CYS A 2 -0.89 -0.57 4.60
C CYS A 2 -0.84 -0.66 3.08
N CYS A 3 -2.01 -0.54 2.45
CA CYS A 3 -2.11 -0.60 1.00
C CYS A 3 -2.47 0.76 0.42
N ASN A 4 -2.02 1.82 1.08
CA ASN A 4 -2.29 3.18 0.63
C ASN A 4 -1.26 3.63 -0.40
N PRO A 5 -1.61 4.68 -1.16
CA PRO A 5 -0.73 5.24 -2.19
C PRO A 5 0.49 5.94 -1.61
N ALA A 6 0.31 6.52 -0.42
CA ALA A 6 1.39 7.22 0.25
C ALA A 6 2.32 6.26 0.97
N CYS A 7 1.75 5.15 1.45
CA CYS A 7 2.54 4.14 2.17
C CYS A 7 3.54 3.48 1.22
N GLY A 8 3.18 3.39 -0.05
CA GLY A 8 4.06 2.78 -1.03
C GLY A 8 3.33 2.34 -2.28
N PRO A 9 3.98 1.51 -3.10
CA PRO A 9 3.40 1.00 -4.35
C PRO A 9 2.26 0.02 -4.11
N ASN A 10 1.81 -0.62 -5.17
CA ASN A 10 0.73 -1.58 -5.08
C ASN A 10 1.01 -2.62 -3.99
N TYR A 11 -0.03 -3.04 -3.29
CA TYR A 11 0.10 -4.03 -2.23
C TYR A 11 -1.10 -4.97 -2.19
N GLY A 12 -1.01 -6.00 -1.36
CA GLY A 12 -2.10 -6.96 -1.24
C GLY A 12 -3.40 -6.30 -0.82
N CYS A 13 -3.34 -5.45 0.19
CA CYS A 13 -4.51 -4.75 0.70
C CYS A 13 -5.53 -5.75 1.25
N ILE A 1 -0.38 -4.14 7.01
CA ILE A 1 -0.40 -4.24 5.55
C ILE A 1 -0.99 -2.99 4.91
N CYS A 2 -0.28 -1.88 5.06
CA CYS A 2 -0.74 -0.61 4.49
C CYS A 2 -0.73 -0.65 2.97
N CYS A 3 -1.92 -0.57 2.38
CA CYS A 3 -2.05 -0.61 0.92
C CYS A 3 -2.44 0.77 0.38
N ASN A 4 -1.96 1.82 1.05
CA ASN A 4 -2.25 3.18 0.64
C ASN A 4 -1.25 3.66 -0.41
N PRO A 5 -1.62 4.72 -1.14
CA PRO A 5 -0.76 5.30 -2.18
C PRO A 5 0.46 6.00 -1.60
N ALA A 6 0.31 6.55 -0.40
CA ALA A 6 1.40 7.26 0.26
C ALA A 6 2.32 6.28 0.97
N CYS A 7 1.76 5.19 1.46
CA CYS A 7 2.53 4.17 2.17
C CYS A 7 3.53 3.49 1.22
N GLY A 8 3.16 3.41 -0.05
CA GLY A 8 4.03 2.79 -1.03
C GLY A 8 3.26 2.18 -2.18
N PRO A 9 3.94 1.33 -2.98
CA PRO A 9 3.33 0.66 -4.13
C PRO A 9 2.31 -0.39 -3.71
N ASN A 10 1.85 -1.17 -4.69
CA ASN A 10 0.86 -2.21 -4.43
C ASN A 10 1.31 -3.12 -3.28
N TYR A 11 0.35 -3.72 -2.59
CA TYR A 11 0.66 -4.61 -1.48
C TYR A 11 -0.15 -5.89 -1.58
N GLY A 12 0.06 -6.79 -0.62
CA GLY A 12 -0.66 -8.06 -0.60
C GLY A 12 -1.96 -7.99 0.18
N CYS A 13 -2.97 -7.36 -0.40
CA CYS A 13 -4.27 -7.21 0.25
C CYS A 13 -5.39 -7.12 -0.78
N ILE A 1 -0.11 -3.87 7.31
CA ILE A 1 -0.57 -4.10 5.94
C ILE A 1 -1.17 -2.84 5.34
N CYS A 2 -0.31 -1.84 5.12
CA CYS A 2 -0.77 -0.58 4.54
C CYS A 2 -0.75 -0.64 3.02
N CYS A 3 -1.94 -0.55 2.42
CA CYS A 3 -2.06 -0.60 0.97
C CYS A 3 -2.43 0.76 0.41
N ASN A 4 -1.97 1.82 1.07
CA ASN A 4 -2.26 3.19 0.64
C ASN A 4 -1.25 3.65 -0.41
N PRO A 5 -1.61 4.71 -1.15
CA PRO A 5 -0.76 5.27 -2.19
C PRO A 5 0.46 5.98 -1.62
N ALA A 6 0.31 6.54 -0.42
CA ALA A 6 1.41 7.24 0.24
C ALA A 6 2.33 6.25 0.96
N CYS A 7 1.76 5.18 1.46
CA CYS A 7 2.52 4.16 2.18
C CYS A 7 3.51 3.47 1.25
N GLY A 8 3.15 3.37 -0.03
CA GLY A 8 4.02 2.73 -1.00
C GLY A 8 3.27 2.28 -2.23
N PRO A 9 3.92 1.41 -3.04
CA PRO A 9 3.32 0.89 -4.27
C PRO A 9 2.18 -0.08 -3.99
N ASN A 10 1.71 -0.75 -5.04
CA ASN A 10 0.62 -1.70 -4.91
C ASN A 10 0.90 -2.71 -3.80
N TYR A 11 -0.10 -2.98 -2.98
CA TYR A 11 0.04 -3.92 -1.87
C TYR A 11 -1.14 -4.89 -1.83
N GLY A 12 -0.98 -5.96 -1.06
CA GLY A 12 -2.04 -6.94 -0.94
C GLY A 12 -2.72 -6.91 0.41
N CYS A 13 -3.60 -5.94 0.62
CA CYS A 13 -4.31 -5.80 1.88
C CYS A 13 -5.71 -6.41 1.79
N ILE A 1 -0.14 -3.88 7.33
CA ILE A 1 -0.59 -4.10 5.95
C ILE A 1 -1.18 -2.84 5.34
N CYS A 2 -0.34 -1.84 5.13
CA CYS A 2 -0.77 -0.57 4.55
C CYS A 2 -0.75 -0.64 3.02
N CYS A 3 -1.94 -0.55 2.42
CA CYS A 3 -2.06 -0.60 0.97
C CYS A 3 -2.43 0.76 0.41
N ASN A 4 -1.97 1.82 1.07
CA ASN A 4 -2.27 3.19 0.64
C ASN A 4 -1.26 3.65 -0.41
N PRO A 5 -1.61 4.71 -1.15
CA PRO A 5 -0.76 5.27 -2.19
C PRO A 5 0.46 5.98 -1.62
N ALA A 6 0.31 6.54 -0.42
CA ALA A 6 1.41 7.24 0.24
C ALA A 6 2.33 6.25 0.96
N CYS A 7 1.75 5.17 1.46
CA CYS A 7 2.52 4.16 2.18
C CYS A 7 3.51 3.47 1.25
N GLY A 8 3.15 3.37 -0.03
CA GLY A 8 4.02 2.74 -1.00
C GLY A 8 3.28 2.27 -2.23
N PRO A 9 3.92 1.41 -3.04
CA PRO A 9 3.33 0.89 -4.26
C PRO A 9 2.18 -0.09 -3.98
N ASN A 10 1.72 -0.76 -5.03
CA ASN A 10 0.63 -1.71 -4.90
C ASN A 10 0.92 -2.72 -3.79
N TYR A 11 -0.09 -2.99 -2.96
CA TYR A 11 0.05 -3.94 -1.86
C TYR A 11 -1.11 -4.91 -1.82
N GLY A 12 -0.96 -5.98 -1.04
CA GLY A 12 -2.01 -6.97 -0.93
C GLY A 12 -2.70 -6.93 0.42
N CYS A 13 -3.60 -5.96 0.60
CA CYS A 13 -4.33 -5.81 1.86
C CYS A 13 -5.72 -6.41 1.75
N ILE A 1 -0.15 -3.88 7.32
CA ILE A 1 -0.55 -4.11 5.93
C ILE A 1 -1.16 -2.85 5.32
N CYS A 2 -0.31 -1.84 5.12
CA CYS A 2 -0.77 -0.58 4.54
C CYS A 2 -0.75 -0.64 3.02
N CYS A 3 -1.93 -0.55 2.42
CA CYS A 3 -2.06 -0.60 0.97
C CYS A 3 -2.43 0.76 0.41
N ASN A 4 -1.97 1.82 1.07
CA ASN A 4 -2.25 3.18 0.64
C ASN A 4 -1.25 3.65 -0.41
N PRO A 5 -1.61 4.71 -1.15
CA PRO A 5 -0.76 5.27 -2.19
C PRO A 5 0.46 5.98 -1.62
N ALA A 6 0.31 6.54 -0.42
CA ALA A 6 1.41 7.24 0.24
C ALA A 6 2.33 6.25 0.96
N CYS A 7 1.76 5.18 1.46
CA CYS A 7 2.52 4.16 2.18
C CYS A 7 3.51 3.47 1.25
N GLY A 8 3.15 3.37 -0.03
CA GLY A 8 4.02 2.73 -1.00
C GLY A 8 3.27 2.28 -2.24
N PRO A 9 3.91 1.42 -3.03
CA PRO A 9 3.32 0.89 -4.27
C PRO A 9 2.18 -0.08 -3.99
N ASN A 10 1.71 -0.74 -5.03
CA ASN A 10 0.61 -1.70 -4.90
C ASN A 10 0.89 -2.70 -3.80
N TYR A 11 -0.13 -3.02 -3.01
CA TYR A 11 0.01 -3.97 -1.91
C TYR A 11 -1.17 -4.94 -1.87
N GLY A 12 -1.03 -6.01 -1.09
CA GLY A 12 -2.09 -6.99 -0.98
C GLY A 12 -2.77 -6.95 0.38
N CYS A 13 -3.64 -5.97 0.56
CA CYS A 13 -4.37 -5.82 1.82
C CYS A 13 -5.77 -6.40 1.71
N ILE A 1 -0.17 -3.89 7.32
CA ILE A 1 -0.56 -4.11 5.94
C ILE A 1 -1.16 -2.84 5.33
N CYS A 2 -0.31 -1.84 5.12
CA CYS A 2 -0.77 -0.58 4.54
C CYS A 2 -0.75 -0.64 3.02
N CYS A 3 -1.93 -0.55 2.42
CA CYS A 3 -2.06 -0.60 0.97
C CYS A 3 -2.43 0.76 0.41
N ASN A 4 -1.97 1.82 1.07
CA ASN A 4 -2.25 3.18 0.64
C ASN A 4 -1.26 3.65 -0.41
N PRO A 5 -1.61 4.71 -1.15
CA PRO A 5 -0.76 5.27 -2.19
C PRO A 5 0.46 5.98 -1.62
N ALA A 6 0.31 6.54 -0.42
CA ALA A 6 1.41 7.24 0.24
C ALA A 6 2.33 6.26 0.96
N CYS A 7 1.76 5.18 1.46
CA CYS A 7 2.52 4.16 2.18
C CYS A 7 3.51 3.47 1.25
N GLY A 8 3.15 3.37 -0.03
CA GLY A 8 4.02 2.73 -1.00
C GLY A 8 3.28 2.27 -2.23
N PRO A 9 3.91 1.42 -3.03
CA PRO A 9 3.33 0.89 -4.26
C PRO A 9 2.18 -0.08 -3.99
N ASN A 10 1.71 -0.75 -5.04
CA ASN A 10 0.61 -1.70 -4.91
C ASN A 10 0.90 -2.71 -3.80
N TYR A 11 -0.14 -3.04 -3.03
CA TYR A 11 0.00 -3.99 -1.94
C TYR A 11 -1.21 -4.93 -1.88
N GLY A 12 -1.07 -6.01 -1.12
CA GLY A 12 -2.15 -6.97 -0.99
C GLY A 12 -2.78 -6.93 0.39
N CYS A 13 -3.62 -5.92 0.62
CA CYS A 13 -4.30 -5.78 1.91
C CYS A 13 -5.69 -6.42 1.87
N ILE A 1 -0.06 -3.87 7.28
CA ILE A 1 -0.55 -4.11 5.93
C ILE A 1 -1.16 -2.84 5.34
N CYS A 2 -0.31 -1.84 5.12
CA CYS A 2 -0.76 -0.58 4.54
C CYS A 2 -0.75 -0.64 3.01
N CYS A 3 -1.93 -0.56 2.41
CA CYS A 3 -2.06 -0.60 0.97
C CYS A 3 -2.43 0.76 0.41
N ASN A 4 -1.97 1.82 1.07
CA ASN A 4 -2.25 3.18 0.64
C ASN A 4 -1.26 3.65 -0.41
N PRO A 5 -1.61 4.71 -1.15
CA PRO A 5 -0.76 5.27 -2.19
C PRO A 5 0.46 5.98 -1.62
N ALA A 6 0.31 6.54 -0.42
CA ALA A 6 1.41 7.24 0.24
C ALA A 6 2.33 6.26 0.96
N CYS A 7 1.76 5.18 1.46
CA CYS A 7 2.52 4.16 2.18
C CYS A 7 3.51 3.47 1.25
N GLY A 8 3.15 3.37 -0.03
CA GLY A 8 4.02 2.74 -1.00
C GLY A 8 3.27 2.28 -2.23
N PRO A 9 3.91 1.42 -3.03
CA PRO A 9 3.33 0.88 -4.26
C PRO A 9 2.18 -0.09 -3.98
N ASN A 10 1.71 -0.76 -5.02
CA ASN A 10 0.62 -1.73 -4.88
C ASN A 10 0.91 -2.73 -3.78
N TYR A 11 -0.08 -2.96 -2.92
CA TYR A 11 0.07 -3.90 -1.81
C TYR A 11 -1.12 -4.86 -1.75
N GLY A 12 -0.93 -5.96 -1.02
CA GLY A 12 -1.99 -6.95 -0.89
C GLY A 12 -2.66 -6.91 0.47
N CYS A 13 -3.57 -5.94 0.65
CA CYS A 13 -4.27 -5.80 1.92
C CYS A 13 -5.66 -6.41 1.84
N ILE A 1 -0.19 -3.85 7.36
CA ILE A 1 -0.47 -4.06 5.95
C ILE A 1 -1.09 -2.81 5.32
N CYS A 2 -0.28 -1.78 5.14
CA CYS A 2 -0.74 -0.53 4.56
C CYS A 2 -0.72 -0.60 3.03
N CYS A 3 -1.91 -0.54 2.43
CA CYS A 3 -2.02 -0.60 0.98
C CYS A 3 -2.41 0.77 0.40
N ASN A 4 -1.96 1.83 1.07
CA ASN A 4 -2.26 3.18 0.63
C ASN A 4 -1.25 3.65 -0.42
N PRO A 5 -1.61 4.70 -1.16
CA PRO A 5 -0.75 5.27 -2.21
C PRO A 5 0.47 5.98 -1.63
N ALA A 6 0.32 6.53 -0.43
CA ALA A 6 1.42 7.23 0.23
C ALA A 6 2.34 6.25 0.96
N CYS A 7 1.75 5.17 1.48
CA CYS A 7 2.51 4.16 2.20
C CYS A 7 3.50 3.45 1.27
N GLY A 8 3.12 3.34 0.00
CA GLY A 8 3.98 2.69 -0.98
C GLY A 8 3.22 2.30 -2.23
N PRO A 9 3.83 1.41 -3.04
CA PRO A 9 3.24 0.93 -4.29
C PRO A 9 2.04 0.03 -4.05
N ASN A 10 1.55 -0.60 -5.11
CA ASN A 10 0.39 -1.49 -5.01
C ASN A 10 0.60 -2.53 -3.91
N TYR A 11 -0.47 -2.83 -3.18
CA TYR A 11 -0.41 -3.81 -2.09
C TYR A 11 -1.74 -4.52 -1.93
N GLY A 12 -1.68 -5.76 -1.45
CA GLY A 12 -2.88 -6.54 -1.25
C GLY A 12 -3.72 -6.04 -0.09
N CYS A 13 -4.62 -5.10 -0.36
CA CYS A 13 -5.47 -4.53 0.68
C CYS A 13 -6.18 -5.63 1.46
#